data_4UUB
#
_entry.id   4UUB
#
_cell.length_a   87.440
_cell.length_b   87.440
_cell.length_c   315.060
_cell.angle_alpha   90.00
_cell.angle_beta   90.00
_cell.angle_gamma   120.00
#
_symmetry.space_group_name_H-M   'P 65 2 2'
#
loop_
_entity.id
_entity.type
_entity.pdbx_description
1 polymer 'NAD-DEPENDENT PROTEIN DEACYLASE SIRTUIN-5, MITOCHONDRIAL'
2 polymer 'CARBAMOYLPHOSPHATE SYNTHETASE I'
3 non-polymer 'ZINC ION'
4 non-polymer 1,2-ETHANEDIOL
5 non-polymer '4-(2-HYDROXYETHYL)-1-PIPERAZINE ETHANESULFONIC ACID'
6 non-polymer 'DIMETHYL SULFOXIDE'
7 non-polymer 'SODIUM ION'
8 non-polymer '(2R)-2-butylbutanedioic acid'
9 water water
#
loop_
_entity_poly.entity_id
_entity_poly.type
_entity_poly.pdbx_seq_one_letter_code
_entity_poly.pdbx_strand_id
1 'polypeptide(L)'
;GIDPFTTRPSSDLTAFREHFAKAKHIAIITGAGVSAESGVPTFRGPGGFWRKWQAQDLATPEAFSRDPSLVWEFYHYRRE
VMRSKMPNPAHLAIAECEARLGQQGRSVVIITQNIDELHHRAGSKHVYEIHGSLFKTRCMSCGEVKANHKSPICPALDGK
GAPDPNTKEARIPVELLPRCERKSCNGLLRPHVVWFGETLDSDILTAVERELEKCDLCLVVGTSSIVYPAAMFAPQVASR
GVPVAEFNMECTPATQRFKYHFEGPCGSTLPPALE
;
A,B
2 'polypeptide(L)' (BEZ)GVLKEYGV D
#
loop_
_chem_comp.id
_chem_comp.type
_chem_comp.name
_chem_comp.formula
BEZ non-polymer 'BENZOIC ACID' 'C7 H6 O2'
DMS non-polymer 'DIMETHYL SULFOXIDE' 'C2 H6 O S'
EDO non-polymer 1,2-ETHANEDIOL 'C2 H6 O2'
EPE non-polymer '4-(2-HYDROXYETHYL)-1-PIPERAZINE ETHANESULFONIC ACID' 'C8 H18 N2 O4 S'
NA non-polymer 'SODIUM ION' 'Na 1'
SU8 non-polymer '(2R)-2-butylbutanedioic acid' 'C8 H14 O4'
ZN non-polymer 'ZINC ION' 'Zn 2'
#
# COMPACT_ATOMS: atom_id res chain seq x y z
N ASP A 12 -7.30 -15.00 -21.94
CA ASP A 12 -6.67 -16.04 -21.09
C ASP A 12 -5.49 -15.44 -20.30
N LEU A 13 -5.45 -15.77 -19.01
CA LEU A 13 -4.43 -15.23 -18.10
C LEU A 13 -3.05 -15.85 -18.32
N THR A 14 -3.00 -17.17 -18.42
CA THR A 14 -1.74 -17.87 -18.63
C THR A 14 -1.06 -17.29 -19.83
N ALA A 15 -1.86 -17.04 -20.87
CA ALA A 15 -1.35 -16.46 -22.10
C ALA A 15 -0.69 -15.13 -21.81
N PHE A 16 -1.36 -14.29 -21.04
CA PHE A 16 -0.75 -13.05 -20.60
C PHE A 16 0.56 -13.28 -19.85
N ARG A 17 0.56 -14.19 -18.89
CA ARG A 17 1.75 -14.41 -18.08
C ARG A 17 2.93 -14.88 -18.90
N GLU A 18 2.69 -15.67 -19.93
CA GLU A 18 3.77 -16.05 -20.84
C GLU A 18 4.44 -14.82 -21.39
N HIS A 19 3.69 -13.78 -21.74
CA HIS A 19 4.35 -12.54 -22.14
C HIS A 19 5.06 -11.90 -20.98
N PHE A 20 4.33 -11.73 -19.90
CA PHE A 20 4.88 -11.13 -18.69
C PHE A 20 6.26 -11.69 -18.41
N ALA A 21 6.39 -13.02 -18.48
CA ALA A 21 7.63 -13.73 -18.17
C ALA A 21 8.77 -13.31 -19.06
N LYS A 22 8.49 -13.10 -20.35
CA LYS A 22 9.53 -12.74 -21.30
C LYS A 22 9.87 -11.27 -21.23
N ALA A 23 8.87 -10.44 -20.99
CA ALA A 23 9.01 -9.01 -21.15
C ALA A 23 10.18 -8.40 -20.38
N LYS A 24 10.96 -7.58 -21.06
CA LYS A 24 12.14 -6.95 -20.48
C LYS A 24 11.97 -5.44 -20.23
N HIS A 25 10.96 -4.82 -20.83
CA HIS A 25 10.70 -3.40 -20.62
C HIS A 25 9.20 -3.18 -20.65
N ILE A 26 8.61 -3.10 -19.47
CA ILE A 26 7.16 -2.96 -19.38
C ILE A 26 6.80 -1.53 -19.13
N ALA A 27 5.78 -1.06 -19.82
CA ALA A 27 5.22 0.23 -19.51
C ALA A 27 3.79 0.04 -19.04
N ILE A 28 3.43 0.74 -17.98
CA ILE A 28 2.14 0.62 -17.39
C ILE A 28 1.52 1.98 -17.38
N ILE A 29 0.36 2.08 -18.01
CA ILE A 29 -0.35 3.34 -18.07
C ILE A 29 -1.54 3.26 -17.13
N THR A 30 -1.66 4.25 -16.25
CA THR A 30 -2.68 4.19 -15.24
C THR A 30 -3.61 5.37 -15.28
N GLY A 31 -4.89 5.10 -15.04
CA GLY A 31 -5.96 6.10 -15.11
C GLY A 31 -6.75 6.15 -13.84
N ALA A 32 -7.85 6.90 -13.89
CA ALA A 32 -8.62 7.20 -12.67
C ALA A 32 -9.20 5.98 -11.98
N GLY A 33 -9.40 4.90 -12.70
CA GLY A 33 -9.93 3.70 -12.09
C GLY A 33 -9.14 3.28 -10.87
N VAL A 34 -7.82 3.44 -10.93
CA VAL A 34 -7.00 2.94 -9.84
C VAL A 34 -7.08 3.87 -8.63
N SER A 35 -7.18 5.17 -8.86
CA SER A 35 -7.34 6.11 -7.76
C SER A 35 -8.76 5.99 -7.16
N ALA A 36 -9.71 5.65 -8.02
CA ALA A 36 -11.07 5.42 -7.56
C ALA A 36 -11.11 4.29 -6.53
N GLU A 37 -10.39 3.21 -6.78
CA GLU A 37 -10.40 2.06 -5.89
C GLU A 37 -9.78 2.37 -4.54
N SER A 38 -9.02 3.44 -4.43
CA SER A 38 -8.49 3.90 -3.16
C SER A 38 -9.42 4.92 -2.53
N GLY A 39 -10.54 5.20 -3.18
CA GLY A 39 -11.55 6.06 -2.64
C GLY A 39 -11.32 7.52 -2.94
N VAL A 40 -10.47 7.82 -3.92
CA VAL A 40 -10.17 9.19 -4.30
C VAL A 40 -11.25 9.69 -5.23
N PRO A 41 -11.86 10.81 -4.89
CA PRO A 41 -12.88 11.36 -5.80
C PRO A 41 -12.24 11.95 -7.07
N THR A 42 -12.86 11.68 -8.24
CA THR A 42 -12.45 12.31 -9.52
C THR A 42 -13.17 13.63 -9.77
N PHE A 43 -14.35 13.82 -9.19
CA PHE A 43 -15.18 15.00 -9.42
C PHE A 43 -15.69 15.15 -10.86
N ARG A 44 -16.01 14.03 -11.49
CA ARG A 44 -16.43 14.03 -12.90
C ARG A 44 -17.68 13.19 -13.11
N GLY A 45 -18.69 13.75 -13.78
CA GLY A 45 -19.90 12.99 -14.04
C GLY A 45 -20.70 12.77 -12.76
N PRO A 46 -21.66 11.82 -12.79
CA PRO A 46 -22.66 11.64 -11.70
C PRO A 46 -22.17 11.72 -10.25
N GLY A 47 -22.76 12.65 -9.52
CA GLY A 47 -22.53 12.83 -8.09
C GLY A 47 -21.12 13.22 -7.70
N GLY A 48 -20.31 13.62 -8.67
CA GLY A 48 -18.94 14.06 -8.40
C GLY A 48 -18.86 15.57 -8.24
N PHE A 49 -19.77 16.15 -7.47
CA PHE A 49 -19.76 17.60 -7.24
C PHE A 49 -18.85 17.98 -6.08
N TRP A 50 -18.33 19.20 -6.10
CA TRP A 50 -17.69 19.82 -4.94
C TRP A 50 -18.42 21.11 -4.70
N ARG A 51 -19.14 21.19 -3.59
CA ARG A 51 -20.06 22.29 -3.40
C ARG A 51 -20.91 22.36 -4.67
N LYS A 52 -21.06 23.55 -5.23
CA LYS A 52 -21.89 23.78 -6.43
C LYS A 52 -21.27 23.13 -7.65
N TRP A 53 -19.94 23.06 -7.67
CA TRP A 53 -19.22 22.88 -8.92
C TRP A 53 -18.69 21.48 -9.18
N GLN A 54 -18.33 21.24 -10.43
CA GLN A 54 -17.60 20.04 -10.82
C GLN A 54 -16.22 20.47 -11.30
N ALA A 55 -15.35 19.50 -11.55
CA ALA A 55 -13.95 19.78 -11.87
C ALA A 55 -13.82 20.68 -13.09
N GLN A 56 -14.48 20.27 -14.18
CA GLN A 56 -14.64 21.09 -15.37
C GLN A 56 -14.74 22.58 -15.02
N ASP A 57 -15.58 22.92 -14.04
CA ASP A 57 -15.80 24.31 -13.67
C ASP A 57 -14.59 25.00 -13.06
N LEU A 58 -13.87 24.29 -12.20
CA LEU A 58 -12.85 24.93 -11.34
C LEU A 58 -11.41 24.73 -11.79
N ALA A 59 -11.18 23.65 -12.51
CA ALA A 59 -9.84 23.30 -12.90
C ALA A 59 -9.46 23.96 -14.24
N THR A 60 -9.44 25.29 -14.27
CA THR A 60 -9.06 26.07 -15.47
C THR A 60 -8.31 27.31 -15.09
N PRO A 61 -7.54 27.87 -16.03
CA PRO A 61 -6.79 29.10 -15.69
C PRO A 61 -7.70 30.30 -15.45
N GLU A 62 -8.91 30.26 -16.01
CA GLU A 62 -9.85 31.37 -15.91
C GLU A 62 -10.41 31.38 -14.51
N ALA A 63 -10.89 30.23 -14.06
CA ALA A 63 -11.37 30.08 -12.69
C ALA A 63 -10.35 30.63 -11.69
N PHE A 64 -9.09 30.28 -11.89
CA PHE A 64 -8.01 30.68 -11.02
C PHE A 64 -7.71 32.17 -11.09
N SER A 65 -7.70 32.73 -12.27
CA SER A 65 -7.56 34.16 -12.42
C SER A 65 -8.70 34.83 -11.69
N ARG A 66 -9.92 34.40 -12.01
CA ARG A 66 -11.13 34.94 -11.40
C ARG A 66 -11.21 34.78 -9.90
N ASP A 67 -11.03 33.56 -9.40
CA ASP A 67 -11.28 33.32 -8.00
C ASP A 67 -10.30 32.31 -7.40
N PRO A 68 -9.04 32.71 -7.28
CA PRO A 68 -8.01 31.85 -6.75
C PRO A 68 -8.24 31.33 -5.32
N SER A 69 -9.00 32.07 -4.50
CA SER A 69 -9.37 31.56 -3.17
C SER A 69 -10.23 30.33 -3.35
N LEU A 70 -11.23 30.43 -4.20
CA LEU A 70 -12.14 29.32 -4.39
C LEU A 70 -11.42 28.10 -4.94
N VAL A 71 -10.60 28.31 -5.95
CA VAL A 71 -9.86 27.20 -6.57
C VAL A 71 -8.95 26.55 -5.53
N TRP A 72 -8.25 27.34 -4.74
CA TRP A 72 -7.38 26.78 -3.69
C TRP A 72 -8.15 26.06 -2.60
N GLU A 73 -9.34 26.55 -2.28
CA GLU A 73 -10.19 25.85 -1.32
C GLU A 73 -10.39 24.44 -1.85
N PHE A 74 -10.74 24.36 -3.12
CA PHE A 74 -10.97 23.09 -3.83
C PHE A 74 -9.77 22.18 -3.78
N TYR A 75 -8.63 22.69 -4.21
CA TYR A 75 -7.42 21.89 -4.23
C TYR A 75 -6.92 21.55 -2.81
N HIS A 76 -7.11 22.45 -1.84
CA HIS A 76 -6.75 22.15 -0.45
C HIS A 76 -7.51 20.91 -0.01
N TYR A 77 -8.81 20.93 -0.21
CA TYR A 77 -9.65 19.79 0.15
C TYR A 77 -9.09 18.50 -0.43
N ARG A 78 -8.73 18.55 -1.69
CA ARG A 78 -8.21 17.36 -2.36
C ARG A 78 -6.89 16.89 -1.76
N ARG A 79 -5.98 17.82 -1.50
CA ARG A 79 -4.79 17.50 -0.71
C ARG A 79 -5.14 16.85 0.63
N GLU A 80 -6.08 17.43 1.38
CA GLU A 80 -6.41 16.88 2.72
C GLU A 80 -7.08 15.53 2.68
N VAL A 81 -7.95 15.27 1.71
CA VAL A 81 -8.57 13.95 1.72
C VAL A 81 -7.57 12.84 1.43
N MET A 82 -6.37 13.17 0.95
CA MET A 82 -5.38 12.12 0.65
C MET A 82 -4.77 11.56 1.91
N ARG A 83 -4.85 12.30 3.00
CA ARG A 83 -4.32 11.84 4.27
C ARG A 83 -4.97 10.53 4.75
N SER A 84 -6.17 10.20 4.28
CA SER A 84 -6.89 8.96 4.67
C SER A 84 -7.11 7.93 3.55
N LYS A 85 -6.78 8.29 2.31
CA LYS A 85 -6.85 7.31 1.24
C LYS A 85 -5.47 6.69 1.09
N MET A 86 -5.42 5.37 1.09
CA MET A 86 -4.16 4.69 0.94
C MET A 86 -4.09 4.06 -0.44
N PRO A 87 -2.88 3.78 -0.89
CA PRO A 87 -2.73 2.90 -2.04
C PRO A 87 -3.45 1.56 -1.85
N ASN A 88 -4.09 1.09 -2.92
CA ASN A 88 -4.73 -0.22 -2.92
C ASN A 88 -3.76 -1.25 -3.45
N PRO A 89 -4.17 -2.52 -3.46
CA PRO A 89 -3.30 -3.58 -3.94
C PRO A 89 -2.78 -3.39 -5.36
N ALA A 90 -3.51 -2.68 -6.21
CA ALA A 90 -3.04 -2.46 -7.57
C ALA A 90 -1.79 -1.64 -7.51
N HIS A 91 -1.83 -0.52 -6.76
CA HIS A 91 -0.67 0.33 -6.61
C HIS A 91 0.52 -0.45 -6.11
N LEU A 92 0.28 -1.27 -5.12
CA LEU A 92 1.37 -2.00 -4.51
C LEU A 92 1.92 -3.06 -5.40
N ALA A 93 1.02 -3.76 -6.08
CA ALA A 93 1.43 -4.90 -6.87
C ALA A 93 2.30 -4.41 -8.00
N ILE A 94 2.00 -3.22 -8.51
CA ILE A 94 2.88 -2.54 -9.44
C ILE A 94 4.23 -2.25 -8.79
N ALA A 95 4.24 -1.40 -7.75
CA ALA A 95 5.51 -0.99 -7.16
C ALA A 95 6.45 -2.16 -6.83
N GLU A 96 5.88 -3.25 -6.35
CA GLU A 96 6.70 -4.37 -5.96
C GLU A 96 7.22 -5.05 -7.20
N CYS A 97 6.41 -5.06 -8.24
CA CYS A 97 6.82 -5.66 -9.50
C CYS A 97 8.00 -4.91 -10.10
N GLU A 98 7.91 -3.58 -10.11
CA GLU A 98 9.02 -2.74 -10.55
C GLU A 98 10.28 -3.09 -9.80
N ALA A 99 10.17 -3.24 -8.49
CA ALA A 99 11.33 -3.51 -7.65
C ALA A 99 11.92 -4.87 -8.02
N ARG A 100 11.07 -5.88 -8.03
CA ARG A 100 11.51 -7.22 -8.28
C ARG A 100 12.19 -7.33 -9.63
N LEU A 101 11.61 -6.71 -10.64
CA LEU A 101 12.12 -6.83 -11.99
C LEU A 101 13.40 -6.02 -12.20
N GLY A 102 13.48 -4.86 -11.57
CA GLY A 102 14.68 -4.03 -11.64
C GLY A 102 15.89 -4.76 -11.13
N GLN A 103 15.67 -5.58 -10.10
CA GLN A 103 16.69 -6.45 -9.56
C GLN A 103 17.20 -7.41 -10.61
N GLN A 104 16.31 -7.82 -11.51
CA GLN A 104 16.67 -8.71 -12.59
C GLN A 104 17.15 -7.95 -13.84
N GLY A 105 17.46 -6.66 -13.74
CA GLY A 105 17.75 -5.85 -14.93
C GLY A 105 16.59 -5.65 -15.92
N ARG A 106 15.36 -5.83 -15.49
CA ARG A 106 14.18 -5.58 -16.31
C ARG A 106 13.47 -4.31 -15.82
N SER A 107 13.02 -3.48 -16.74
CA SER A 107 12.50 -2.19 -16.37
C SER A 107 10.97 -2.16 -16.32
N VAL A 108 10.43 -1.23 -15.53
CA VAL A 108 9.00 -1.06 -15.36
C VAL A 108 8.73 0.41 -15.07
N VAL A 109 8.01 1.06 -15.97
CA VAL A 109 7.71 2.47 -15.80
C VAL A 109 6.22 2.67 -15.76
N ILE A 110 5.82 3.67 -15.00
CA ILE A 110 4.45 4.05 -14.85
C ILE A 110 4.26 5.41 -15.51
N ILE A 111 3.20 5.49 -16.28
CA ILE A 111 2.80 6.71 -16.92
C ILE A 111 1.40 6.87 -16.41
N THR A 112 1.19 7.88 -15.57
CA THR A 112 -0.09 8.02 -14.91
C THR A 112 -0.77 9.33 -15.21
N GLN A 113 -2.09 9.28 -15.38
CA GLN A 113 -2.90 10.47 -15.52
C GLN A 113 -3.37 11.00 -14.16
N ASN A 114 -3.05 10.27 -13.09
CA ASN A 114 -3.50 10.61 -11.78
C ASN A 114 -2.52 11.53 -11.10
N ILE A 115 -3.06 12.41 -10.25
CA ILE A 115 -2.26 13.45 -9.62
C ILE A 115 -2.18 13.32 -8.09
N ASP A 116 -2.50 12.12 -7.58
CA ASP A 116 -2.63 11.91 -6.14
C ASP A 116 -1.40 11.28 -5.50
N GLU A 117 -0.34 11.09 -6.27
CA GLU A 117 0.89 10.54 -5.74
C GLU A 117 0.74 9.15 -5.12
N LEU A 118 -0.39 8.47 -5.36
CA LEU A 118 -0.55 7.13 -4.79
C LEU A 118 0.52 6.16 -5.25
N HIS A 119 0.98 6.23 -6.48
CA HIS A 119 2.00 5.29 -6.93
C HIS A 119 3.28 5.51 -6.16
N HIS A 120 3.52 6.76 -5.78
CA HIS A 120 4.75 7.15 -5.09
CA HIS A 120 4.77 7.13 -5.12
C HIS A 120 4.73 6.54 -3.71
N ARG A 121 3.60 6.71 -3.05
CA ARG A 121 3.36 6.16 -1.74
C ARG A 121 3.33 4.63 -1.74
N ALA A 122 3.07 4.01 -2.87
CA ALA A 122 3.13 2.56 -2.94
C ALA A 122 4.57 2.06 -3.04
N GLY A 123 5.47 2.96 -3.45
CA GLY A 123 6.86 2.61 -3.59
C GLY A 123 7.33 2.59 -5.01
N SER A 124 6.48 2.98 -5.96
CA SER A 124 6.90 3.09 -7.35
C SER A 124 7.93 4.20 -7.50
N LYS A 125 8.90 4.02 -8.40
CA LYS A 125 10.02 4.93 -8.56
C LYS A 125 10.04 5.59 -9.92
N HIS A 126 9.94 4.80 -10.98
CA HIS A 126 10.02 5.37 -12.33
C HIS A 126 8.61 5.69 -12.79
N VAL A 127 8.13 6.85 -12.38
CA VAL A 127 6.76 7.28 -12.60
C VAL A 127 6.72 8.58 -13.41
N TYR A 128 5.84 8.66 -14.40
CA TYR A 128 5.66 9.88 -15.14
C TYR A 128 4.27 10.46 -14.88
N GLU A 129 4.20 11.58 -14.14
CA GLU A 129 2.92 12.25 -13.82
C GLU A 129 2.63 13.28 -14.89
N ILE A 130 1.82 12.86 -15.86
CA ILE A 130 1.57 13.69 -17.02
C ILE A 130 0.54 14.76 -16.76
N HIS A 131 -0.18 14.70 -15.65
CA HIS A 131 -1.08 15.78 -15.37
C HIS A 131 -0.56 16.50 -14.14
N GLY A 132 0.68 16.27 -13.77
CA GLY A 132 1.22 16.94 -12.60
C GLY A 132 0.80 16.24 -11.31
N SER A 133 0.78 17.00 -10.21
CA SER A 133 0.54 16.44 -8.86
C SER A 133 -0.03 17.44 -7.87
N LEU A 134 -1.05 17.01 -7.12
CA LEU A 134 -1.60 17.82 -6.04
C LEU A 134 -0.54 18.26 -5.04
N PHE A 135 0.59 17.56 -4.94
CA PHE A 135 1.57 17.91 -3.94
C PHE A 135 2.85 18.49 -4.57
N LYS A 136 2.60 19.30 -5.60
CA LYS A 136 3.58 20.21 -6.12
C LYS A 136 2.90 21.53 -6.42
N THR A 137 3.65 22.61 -6.29
CA THR A 137 3.19 23.93 -6.62
C THR A 137 4.02 24.49 -7.78
N ARG A 138 3.47 25.51 -8.42
CA ARG A 138 4.22 26.28 -9.37
C ARG A 138 4.02 27.79 -9.12
N CYS A 139 5.11 28.53 -9.09
CA CYS A 139 5.02 29.94 -8.83
C CYS A 139 4.53 30.59 -10.10
N MET A 140 3.47 31.38 -9.98
CA MET A 140 2.94 32.12 -11.11
C MET A 140 3.94 33.12 -11.61
N SER A 141 4.85 33.58 -10.78
CA SER A 141 5.73 34.65 -11.17
C SER A 141 7.03 34.09 -11.69
N CYS A 142 7.69 33.22 -10.93
CA CYS A 142 8.99 32.70 -11.37
C CYS A 142 8.98 31.29 -11.95
N GLY A 143 7.86 30.58 -11.89
CA GLY A 143 7.75 29.27 -12.53
C GLY A 143 8.41 28.10 -11.80
N GLU A 144 8.90 28.34 -10.58
CA GLU A 144 9.60 27.28 -9.82
C GLU A 144 8.62 26.22 -9.35
N VAL A 145 9.07 24.97 -9.43
CA VAL A 145 8.22 23.84 -9.07
C VAL A 145 8.77 23.16 -7.84
N LYS A 146 8.05 23.28 -6.73
CA LYS A 146 8.43 22.68 -5.46
C LYS A 146 7.45 21.62 -5.05
N ALA A 147 7.98 20.56 -4.45
CA ALA A 147 7.13 19.62 -3.75
C ALA A 147 6.60 20.35 -2.53
N ASN A 148 5.39 20.00 -2.13
CA ASN A 148 4.79 20.54 -0.93
C ASN A 148 3.70 19.58 -0.45
N HIS A 149 3.82 19.15 0.80
CA HIS A 149 2.85 18.25 1.44
C HIS A 149 2.29 18.83 2.76
N LYS A 150 2.60 20.09 3.01
CA LYS A 150 2.20 20.80 4.22
C LYS A 150 0.68 20.74 4.39
N SER A 151 0.23 20.32 5.56
CA SER A 151 -1.17 20.32 5.88
C SER A 151 -1.33 21.26 7.05
N PRO A 152 -1.97 22.42 6.88
CA PRO A 152 -2.44 22.95 5.61
C PRO A 152 -1.34 23.68 4.89
N ILE A 153 -1.42 23.67 3.56
CA ILE A 153 -0.44 24.30 2.69
C ILE A 153 -0.07 25.74 3.09
N CYS A 154 -1.05 26.48 3.61
CA CYS A 154 -0.81 27.76 4.24
C CYS A 154 -1.87 28.03 5.32
N PRO A 155 -1.54 28.83 6.35
CA PRO A 155 -2.45 28.99 7.49
C PRO A 155 -3.84 29.47 7.10
N ALA A 156 -3.91 30.41 6.15
CA ALA A 156 -5.21 30.95 5.72
C ALA A 156 -6.23 29.88 5.34
N LEU A 157 -5.75 28.74 4.89
CA LEU A 157 -6.61 27.65 4.42
C LEU A 157 -6.95 26.63 5.49
N ASP A 158 -6.34 26.77 6.65
CA ASP A 158 -6.58 25.84 7.73
C ASP A 158 -8.08 25.67 7.98
N GLY A 159 -8.54 24.42 7.92
CA GLY A 159 -9.92 24.11 8.18
C GLY A 159 -10.86 24.61 7.12
N LYS A 160 -10.36 24.87 5.91
CA LYS A 160 -11.19 25.42 4.83
C LYS A 160 -11.54 24.34 3.84
N GLY A 161 -12.19 24.74 2.74
CA GLY A 161 -12.47 23.86 1.62
C GLY A 161 -13.45 22.73 1.91
N ALA A 162 -14.40 22.96 2.82
CA ALA A 162 -15.41 21.95 3.09
C ALA A 162 -16.20 21.75 1.81
N PRO A 163 -16.63 20.53 1.54
CA PRO A 163 -17.38 20.20 0.32
C PRO A 163 -18.89 20.39 0.39
N ASP A 164 -19.43 20.75 1.55
CA ASP A 164 -20.87 20.91 1.69
C ASP A 164 -21.35 21.92 0.63
N PRO A 165 -22.31 21.50 -0.21
CA PRO A 165 -22.93 22.46 -1.14
C PRO A 165 -23.07 23.88 -0.54
N ASN A 166 -23.49 23.95 0.73
CA ASN A 166 -23.83 25.22 1.39
C ASN A 166 -22.72 25.91 2.14
N THR A 167 -21.48 25.49 1.93
CA THR A 167 -20.38 26.08 2.69
C THR A 167 -20.14 27.54 2.28
N LYS A 168 -19.85 28.40 3.25
CA LYS A 168 -19.50 29.79 2.95
C LYS A 168 -18.15 29.86 2.26
N GLU A 169 -18.06 30.58 1.15
CA GLU A 169 -16.77 30.87 0.53
C GLU A 169 -15.83 31.46 1.56
N ALA A 170 -14.61 30.97 1.60
CA ALA A 170 -13.56 31.58 2.44
C ALA A 170 -12.96 32.89 1.96
N ARG A 171 -13.10 33.23 0.66
CA ARG A 171 -12.84 34.59 0.20
C ARG A 171 -11.53 35.13 0.84
N ILE A 172 -10.51 34.29 0.76
CA ILE A 172 -9.16 34.58 1.26
C ILE A 172 -8.48 35.56 0.34
N PRO A 173 -7.92 36.66 0.89
CA PRO A 173 -7.22 37.59 0.01
C PRO A 173 -5.98 36.96 -0.59
N VAL A 174 -5.74 37.27 -1.85
CA VAL A 174 -4.67 36.66 -2.65
C VAL A 174 -3.31 36.65 -1.94
N GLU A 175 -2.97 37.75 -1.26
CA GLU A 175 -1.67 37.90 -0.62
C GLU A 175 -1.44 36.82 0.44
N LEU A 176 -2.52 36.21 0.94
CA LEU A 176 -2.43 35.20 2.01
C LEU A 176 -2.55 33.77 1.53
N LEU A 177 -2.95 33.61 0.28
CA LEU A 177 -2.91 32.30 -0.36
C LEU A 177 -1.43 31.85 -0.43
N PRO A 178 -1.17 30.60 -0.82
CA PRO A 178 0.23 30.17 -0.83
C PRO A 178 1.10 31.04 -1.72
N ARG A 179 2.26 31.43 -1.19
CA ARG A 179 3.18 32.26 -1.91
C ARG A 179 4.54 31.58 -2.03
N CYS A 180 5.25 31.95 -3.08
CA CYS A 180 6.61 31.52 -3.32
C CYS A 180 7.55 31.95 -2.20
N GLU A 181 8.50 31.08 -1.87
CA GLU A 181 9.36 31.36 -0.74
C GLU A 181 10.62 32.12 -1.10
N ARG A 182 10.99 32.13 -2.38
CA ARG A 182 12.18 32.84 -2.79
C ARG A 182 11.91 34.32 -2.53
N LYS A 183 12.58 34.84 -1.50
CA LYS A 183 12.23 36.12 -0.86
C LYS A 183 11.98 37.28 -1.83
N SER A 184 12.81 37.35 -2.86
CA SER A 184 12.69 38.39 -3.87
C SER A 184 11.37 38.29 -4.62
N CYS A 185 10.86 37.05 -4.77
CA CYS A 185 9.72 36.76 -5.64
C CYS A 185 8.34 36.91 -5.00
N ASN A 186 8.02 36.04 -4.05
CA ASN A 186 6.75 36.07 -3.36
C ASN A 186 5.54 35.92 -4.27
N GLY A 187 5.74 35.31 -5.42
CA GLY A 187 4.66 35.14 -6.35
C GLY A 187 3.61 34.23 -5.77
N LEU A 188 2.41 34.29 -6.33
CA LEU A 188 1.30 33.42 -5.98
C LEU A 188 1.55 32.05 -6.52
N LEU A 189 1.34 31.03 -5.72
CA LEU A 189 1.53 29.66 -6.17
C LEU A 189 0.21 29.11 -6.67
N ARG A 190 0.33 28.22 -7.65
CA ARG A 190 -0.79 27.46 -8.17
C ARG A 190 -0.40 26.00 -8.06
N PRO A 191 -1.41 25.11 -7.99
CA PRO A 191 -1.14 23.68 -8.08
C PRO A 191 -0.47 23.36 -9.37
N HIS A 192 0.58 22.56 -9.31
CA HIS A 192 1.25 22.06 -10.49
C HIS A 192 0.46 20.90 -11.10
N VAL A 193 -0.72 21.24 -11.61
CA VAL A 193 -1.58 20.29 -12.21
C VAL A 193 -2.05 20.82 -13.55
N VAL A 194 -2.19 19.94 -14.52
CA VAL A 194 -2.60 20.39 -15.80
C VAL A 194 -4.10 20.61 -15.75
N TRP A 195 -4.52 21.85 -16.07
CA TRP A 195 -5.93 22.24 -16.10
C TRP A 195 -6.51 22.14 -17.50
N PHE A 196 -7.84 22.17 -17.59
CA PHE A 196 -8.51 22.17 -18.88
C PHE A 196 -8.14 23.41 -19.66
N GLY A 197 -7.88 23.22 -20.95
CA GLY A 197 -7.35 24.27 -21.77
C GLY A 197 -5.84 24.51 -21.68
N GLU A 198 -5.09 23.64 -21.01
CA GLU A 198 -3.60 23.77 -20.93
C GLU A 198 -2.94 22.61 -21.66
N THR A 199 -1.66 22.75 -22.04
CA THR A 199 -0.98 21.64 -22.72
C THR A 199 -0.21 20.76 -21.75
N LEU A 200 0.12 19.56 -22.19
CA LEU A 200 1.05 18.74 -21.45
C LEU A 200 2.46 19.32 -21.66
N ASP A 201 3.33 19.06 -20.70
CA ASP A 201 4.77 19.36 -20.78
C ASP A 201 5.37 18.48 -21.90
N SER A 202 5.92 19.09 -22.95
CA SER A 202 6.43 18.27 -24.06
C SER A 202 7.66 17.46 -23.74
N ASP A 203 8.46 17.95 -22.80
CA ASP A 203 9.58 17.18 -22.27
C ASP A 203 9.17 15.84 -21.70
N ILE A 204 8.08 15.85 -20.94
CA ILE A 204 7.51 14.62 -20.43
C ILE A 204 7.01 13.74 -21.58
N LEU A 205 6.26 14.32 -22.51
CA LEU A 205 5.77 13.51 -23.63
C LEU A 205 6.87 12.87 -24.43
N THR A 206 8.00 13.55 -24.51
CA THR A 206 9.11 13.06 -25.29
C THR A 206 9.84 11.93 -24.62
N ALA A 207 9.89 12.00 -23.31
CA ALA A 207 10.38 10.91 -22.49
C ALA A 207 9.45 9.70 -22.55
N VAL A 208 8.15 9.94 -22.45
CA VAL A 208 7.20 8.86 -22.52
C VAL A 208 7.27 8.20 -23.88
N GLU A 209 7.33 9.02 -24.93
CA GLU A 209 7.50 8.48 -26.27
C GLU A 209 8.69 7.53 -26.29
N ARG A 210 9.84 8.00 -25.81
CA ARG A 210 11.01 7.16 -25.73
C ARG A 210 10.72 5.87 -24.96
N GLU A 211 10.17 5.96 -23.76
CA GLU A 211 9.83 4.75 -23.01
C GLU A 211 8.92 3.78 -23.78
N LEU A 212 7.88 4.29 -24.44
CA LEU A 212 6.95 3.42 -25.13
C LEU A 212 7.49 2.78 -26.40
N GLU A 213 8.44 3.45 -27.02
CA GLU A 213 9.18 2.82 -28.09
C GLU A 213 10.05 1.63 -27.60
N LYS A 214 10.59 1.75 -26.39
CA LYS A 214 11.45 0.72 -25.81
C LYS A 214 10.68 -0.53 -25.36
N CYS A 215 9.39 -0.36 -25.11
CA CYS A 215 8.70 -1.30 -24.29
C CYS A 215 8.36 -2.53 -25.10
N ASP A 216 8.21 -3.68 -24.46
CA ASP A 216 7.76 -4.91 -25.16
C ASP A 216 6.55 -5.61 -24.52
N LEU A 217 5.83 -4.84 -23.71
CA LEU A 217 4.58 -5.24 -23.14
C LEU A 217 4.02 -4.00 -22.49
N CYS A 218 2.76 -3.69 -22.76
CA CYS A 218 2.14 -2.49 -22.23
C CYS A 218 0.88 -2.83 -21.47
N LEU A 219 0.70 -2.22 -20.30
CA LEU A 219 -0.49 -2.45 -19.51
C LEU A 219 -1.28 -1.19 -19.39
N VAL A 220 -2.60 -1.31 -19.49
CA VAL A 220 -3.48 -0.16 -19.34
C VAL A 220 -4.42 -0.46 -18.20
N VAL A 221 -4.47 0.43 -17.21
CA VAL A 221 -5.07 0.13 -15.91
C VAL A 221 -5.96 1.24 -15.37
N GLY A 222 -7.22 0.90 -15.15
CA GLY A 222 -8.20 1.84 -14.65
C GLY A 222 -8.46 2.93 -15.66
N THR A 223 -8.55 2.50 -16.94
CA THR A 223 -8.88 3.34 -18.13
C THR A 223 -8.71 2.39 -19.35
N SER A 224 -9.02 2.85 -20.56
CA SER A 224 -8.91 1.97 -21.73
C SER A 224 -8.13 2.65 -22.81
N SER A 225 -7.58 1.85 -23.71
CA SER A 225 -6.75 2.33 -24.81
C SER A 225 -7.49 3.22 -25.78
N ILE A 226 -8.82 3.13 -25.86
CA ILE A 226 -9.59 3.93 -26.83
C ILE A 226 -9.68 5.38 -26.43
N VAL A 227 -9.47 5.67 -25.16
CA VAL A 227 -9.78 6.97 -24.63
C VAL A 227 -8.52 7.76 -24.24
N TYR A 228 -8.66 9.07 -24.17
CA TYR A 228 -7.59 9.91 -23.65
C TYR A 228 -7.27 9.54 -22.20
N PRO A 229 -5.99 9.40 -21.82
CA PRO A 229 -4.84 9.66 -22.68
C PRO A 229 -4.16 8.39 -23.20
N ALA A 230 -4.65 7.23 -22.80
CA ALA A 230 -4.10 6.00 -23.34
C ALA A 230 -4.01 6.03 -24.86
N ALA A 231 -4.91 6.77 -25.49
CA ALA A 231 -5.01 6.75 -26.94
C ALA A 231 -3.91 7.46 -27.67
N MET A 232 -3.23 8.38 -27.01
CA MET A 232 -2.05 9.03 -27.58
C MET A 232 -0.91 8.06 -27.91
N PHE A 233 -0.92 6.91 -27.24
CA PHE A 233 0.25 6.07 -27.18
C PHE A 233 0.04 4.67 -27.72
N ALA A 234 -0.91 3.94 -27.13
CA ALA A 234 -1.14 2.52 -27.47
C ALA A 234 -1.06 2.31 -28.98
N PRO A 235 -1.55 3.26 -29.77
CA PRO A 235 -1.30 3.18 -31.21
C PRO A 235 0.18 2.97 -31.56
N GLN A 236 1.06 3.72 -30.92
CA GLN A 236 2.50 3.62 -31.13
C GLN A 236 3.02 2.23 -30.76
N VAL A 237 2.70 1.78 -29.54
CA VAL A 237 3.16 0.46 -29.13
C VAL A 237 2.55 -0.68 -29.96
N ALA A 238 1.25 -0.62 -30.19
CA ALA A 238 0.52 -1.72 -30.85
C ALA A 238 0.99 -1.90 -32.28
N SER A 239 1.21 -0.79 -32.97
CA SER A 239 1.68 -0.78 -34.35
C SER A 239 3.10 -1.35 -34.52
N ARG A 240 3.84 -1.48 -33.42
CA ARG A 240 5.06 -2.28 -33.39
C ARG A 240 4.82 -3.77 -33.07
N GLY A 241 3.56 -4.18 -32.95
CA GLY A 241 3.26 -5.57 -32.64
C GLY A 241 3.41 -5.98 -31.17
N VAL A 242 3.49 -5.00 -30.28
CA VAL A 242 3.63 -5.29 -28.85
C VAL A 242 2.28 -5.59 -28.18
N PRO A 243 2.24 -6.58 -27.26
CA PRO A 243 0.96 -6.87 -26.61
C PRO A 243 0.51 -5.76 -25.65
N VAL A 244 -0.80 -5.61 -25.53
CA VAL A 244 -1.40 -4.58 -24.69
C VAL A 244 -2.52 -5.22 -23.89
N ALA A 245 -2.45 -5.08 -22.57
CA ALA A 245 -3.41 -5.70 -21.66
C ALA A 245 -4.14 -4.62 -20.90
N GLU A 246 -5.46 -4.61 -20.95
CA GLU A 246 -6.22 -3.66 -20.17
C GLU A 246 -6.76 -4.32 -18.93
N PHE A 247 -6.76 -3.57 -17.83
CA PHE A 247 -7.40 -3.98 -16.58
C PHE A 247 -8.30 -2.84 -16.14
N ASN A 248 -9.60 -3.01 -16.34
CA ASN A 248 -10.58 -2.01 -15.94
C ASN A 248 -11.97 -2.63 -15.82
N MET A 249 -12.95 -1.79 -15.50
CA MET A 249 -14.33 -2.24 -15.26
C MET A 249 -15.29 -2.12 -16.43
N GLU A 250 -14.79 -1.75 -17.59
CA GLU A 250 -15.65 -1.70 -18.75
C GLU A 250 -15.83 -3.12 -19.32
N CYS A 251 -17.01 -3.36 -19.88
CA CYS A 251 -17.27 -4.58 -20.62
C CYS A 251 -16.59 -4.51 -21.98
N THR A 252 -16.60 -5.63 -22.69
CA THR A 252 -16.34 -5.64 -24.13
C THR A 252 -17.36 -6.67 -24.69
N PRO A 253 -17.78 -6.48 -25.97
CA PRO A 253 -18.76 -7.39 -26.60
C PRO A 253 -18.39 -8.86 -26.70
N ALA A 254 -19.44 -9.69 -26.82
CA ALA A 254 -19.34 -11.14 -27.02
C ALA A 254 -18.17 -11.49 -27.94
N THR A 255 -18.24 -10.98 -29.16
CA THR A 255 -17.20 -11.20 -30.17
C THR A 255 -16.02 -10.21 -30.04
N GLN A 256 -15.28 -10.31 -28.93
CA GLN A 256 -13.86 -9.99 -28.88
C GLN A 256 -13.19 -10.79 -27.75
N LYS A 259 -3.92 -8.67 -27.55
CA LYS A 259 -4.44 -7.55 -26.76
C LYS A 259 -5.57 -7.99 -25.82
N TYR A 260 -5.23 -8.18 -24.55
CA TYR A 260 -6.05 -8.90 -23.56
C TYR A 260 -6.84 -7.91 -22.73
N HIS A 261 -7.93 -8.40 -22.14
CA HIS A 261 -8.79 -7.57 -21.29
C HIS A 261 -9.18 -8.36 -20.05
N PHE A 262 -9.01 -7.75 -18.90
CA PHE A 262 -9.35 -8.39 -17.65
C PHE A 262 -10.28 -7.44 -16.94
N GLU A 263 -11.56 -7.77 -17.08
CA GLU A 263 -12.64 -7.00 -16.50
C GLU A 263 -12.61 -7.21 -15.00
N GLY A 264 -12.86 -6.13 -14.29
CA GLY A 264 -12.95 -6.18 -12.83
C GLY A 264 -12.03 -5.16 -12.19
N PRO A 265 -12.14 -5.03 -10.84
CA PRO A 265 -11.31 -4.14 -10.02
C PRO A 265 -9.83 -4.45 -10.12
N CYS A 266 -9.03 -3.44 -10.43
CA CYS A 266 -7.59 -3.58 -10.51
C CYS A 266 -7.01 -4.14 -9.23
N GLY A 267 -7.59 -3.73 -8.10
CA GLY A 267 -7.28 -4.30 -6.78
C GLY A 267 -7.24 -5.83 -6.77
N SER A 268 -8.21 -6.47 -7.43
CA SER A 268 -8.26 -7.93 -7.55
C SER A 268 -7.55 -8.50 -8.77
N THR A 269 -7.81 -7.92 -9.92
CA THR A 269 -7.32 -8.50 -11.15
C THR A 269 -5.80 -8.43 -11.24
N LEU A 270 -5.22 -7.31 -10.83
CA LEU A 270 -3.84 -7.04 -11.16
C LEU A 270 -2.79 -7.84 -10.36
N PRO A 271 -2.95 -7.96 -9.04
CA PRO A 271 -1.88 -8.66 -8.32
C PRO A 271 -1.63 -10.11 -8.75
N PRO A 272 -2.69 -10.94 -8.89
CA PRO A 272 -2.40 -12.23 -9.49
C PRO A 272 -1.61 -12.13 -10.80
N ALA A 273 -1.96 -11.16 -11.64
CA ALA A 273 -1.32 -11.00 -12.94
C ALA A 273 0.19 -10.77 -12.83
N LEU A 274 0.62 -9.99 -11.84
CA LEU A 274 2.03 -9.60 -11.72
C LEU A 274 2.89 -10.42 -10.74
N GLU A 275 2.31 -11.40 -10.03
CA GLU A 275 3.07 -12.14 -9.00
C GLU A 275 4.23 -12.94 -9.59
N SER B 10 -16.16 4.05 24.89
CA SER B 10 -16.58 5.12 23.93
C SER B 10 -16.52 4.60 22.50
N SER B 11 -17.19 5.34 21.62
CA SER B 11 -17.04 5.18 20.18
C SER B 11 -16.66 6.54 19.55
N ASP B 12 -16.28 7.51 20.40
CA ASP B 12 -16.09 8.89 19.99
C ASP B 12 -14.70 9.18 19.39
N LEU B 13 -14.68 9.57 18.12
CA LEU B 13 -13.44 9.66 17.35
C LEU B 13 -12.62 10.91 17.68
N THR B 14 -13.29 12.08 17.70
CA THR B 14 -12.62 13.36 18.00
C THR B 14 -11.92 13.23 19.36
N ALA B 15 -12.59 12.57 20.31
CA ALA B 15 -12.00 12.29 21.62
C ALA B 15 -10.69 11.51 21.48
N PHE B 16 -10.72 10.45 20.70
CA PHE B 16 -9.51 9.70 20.41
C PHE B 16 -8.43 10.59 19.81
N ARG B 17 -8.79 11.37 18.79
CA ARG B 17 -7.78 12.18 18.08
C ARG B 17 -7.12 13.19 19.00
N GLU B 18 -7.86 13.71 19.97
CA GLU B 18 -7.26 14.58 20.96
C GLU B 18 -6.09 13.88 21.64
N HIS B 19 -6.22 12.61 21.98
CA HIS B 19 -5.07 11.89 22.51
C HIS B 19 -3.99 11.72 21.47
N PHE B 20 -4.41 11.22 20.31
CA PHE B 20 -3.51 11.03 19.18
C PHE B 20 -2.61 12.25 18.99
N ALA B 21 -3.22 13.44 18.99
CA ALA B 21 -2.49 14.69 18.79
C ALA B 21 -1.38 14.92 19.81
N LYS B 22 -1.63 14.57 21.06
CA LYS B 22 -0.67 14.83 22.11
C LYS B 22 0.37 13.74 22.22
N ALA B 23 -0.03 12.50 21.94
CA ALA B 23 0.83 11.34 22.16
C ALA B 23 2.21 11.43 21.55
N LYS B 24 3.22 11.13 22.34
CA LYS B 24 4.62 11.25 21.91
C LYS B 24 5.30 9.89 21.69
N HIS B 25 4.71 8.82 22.22
CA HIS B 25 5.26 7.47 22.03
C HIS B 25 4.08 6.49 21.90
N ILE B 26 3.74 6.18 20.66
CA ILE B 26 2.59 5.32 20.43
C ILE B 26 3.02 3.92 20.19
N ALA B 27 2.33 2.98 20.80
CA ALA B 27 2.57 1.57 20.53
C ALA B 27 1.32 0.95 19.92
N ILE B 28 1.51 0.20 18.85
CA ILE B 28 0.43 -0.36 18.11
C ILE B 28 0.63 -1.84 18.11
N ILE B 29 -0.35 -2.55 18.62
CA ILE B 29 -0.31 -3.96 18.67
C ILE B 29 -1.21 -4.48 17.56
N THR B 30 -0.68 -5.36 16.71
CA THR B 30 -1.46 -5.89 15.60
C THR B 30 -1.62 -7.39 15.61
N GLY B 31 -2.82 -7.84 15.24
CA GLY B 31 -3.19 -9.25 15.28
C GLY B 31 -3.64 -9.73 13.92
N ALA B 32 -4.19 -10.93 13.89
CA ALA B 32 -4.53 -11.58 12.64
C ALA B 32 -5.57 -10.84 11.80
N GLY B 33 -6.41 -10.03 12.43
CA GLY B 33 -7.40 -9.29 11.69
C GLY B 33 -6.80 -8.53 10.53
N VAL B 34 -5.62 -8.01 10.75
CA VAL B 34 -4.99 -7.18 9.77
C VAL B 34 -4.45 -7.97 8.59
N SER B 35 -3.90 -9.15 8.85
CA SER B 35 -3.41 -9.99 7.79
C SER B 35 -4.58 -10.61 7.06
N ALA B 36 -5.67 -10.80 7.80
CA ALA B 36 -6.88 -11.32 7.20
C ALA B 36 -7.39 -10.38 6.11
N GLU B 37 -7.37 -9.08 6.40
CA GLU B 37 -7.86 -8.08 5.45
C GLU B 37 -7.01 -7.98 4.19
N SER B 38 -5.80 -8.52 4.21
CA SER B 38 -4.98 -8.66 3.00
C SER B 38 -5.13 -10.01 2.32
N GLY B 39 -6.00 -10.86 2.86
CA GLY B 39 -6.31 -12.16 2.25
C GLY B 39 -5.39 -13.29 2.66
N VAL B 40 -4.64 -13.11 3.74
CA VAL B 40 -3.66 -14.12 4.12
C VAL B 40 -4.40 -15.28 4.76
N PRO B 41 -4.19 -16.51 4.27
CA PRO B 41 -4.83 -17.63 4.93
C PRO B 41 -4.27 -17.90 6.32
N THR B 42 -5.14 -18.15 7.27
CA THR B 42 -4.68 -18.45 8.65
C THR B 42 -4.50 -19.94 8.86
N PHE B 43 -5.24 -20.75 8.09
CA PHE B 43 -5.29 -22.20 8.30
C PHE B 43 -5.88 -22.68 9.65
N ARG B 44 -6.90 -21.99 10.14
CA ARG B 44 -7.44 -22.26 11.46
C ARG B 44 -8.94 -22.49 11.49
N GLY B 45 -9.71 -21.61 10.85
CA GLY B 45 -11.18 -21.76 10.89
C GLY B 45 -11.59 -23.04 10.18
N PRO B 46 -12.91 -23.30 10.07
CA PRO B 46 -13.44 -24.57 9.53
C PRO B 46 -12.80 -25.02 8.21
N GLY B 47 -12.82 -24.17 7.20
CA GLY B 47 -12.30 -24.54 5.88
C GLY B 47 -10.86 -24.10 5.66
N GLY B 48 -10.11 -23.94 6.74
CA GLY B 48 -8.71 -23.53 6.64
C GLY B 48 -7.76 -24.72 6.63
N PHE B 49 -8.07 -25.73 5.80
CA PHE B 49 -7.20 -26.89 5.68
C PHE B 49 -6.07 -26.65 4.70
N TRP B 50 -4.96 -27.33 4.90
CA TRP B 50 -3.88 -27.39 3.92
C TRP B 50 -3.70 -28.85 3.67
N ARG B 51 -4.09 -29.31 2.48
CA ARG B 51 -4.19 -30.72 2.24
C ARG B 51 -5.02 -31.35 3.37
N LYS B 52 -4.55 -32.45 3.97
CA LYS B 52 -5.25 -33.13 5.07
C LYS B 52 -5.31 -32.28 6.33
N TRP B 53 -4.30 -31.45 6.54
CA TRP B 53 -4.03 -30.91 7.86
C TRP B 53 -4.45 -29.47 8.10
N GLN B 54 -4.50 -29.09 9.36
CA GLN B 54 -4.65 -27.70 9.78
C GLN B 54 -3.39 -27.26 10.50
N ALA B 55 -3.28 -25.97 10.80
CA ALA B 55 -2.03 -25.40 11.32
C ALA B 55 -1.60 -26.06 12.60
N GLN B 56 -2.56 -26.13 13.52
CA GLN B 56 -2.46 -26.95 14.72
C GLN B 56 -1.60 -28.22 14.51
N ASP B 57 -1.91 -28.98 13.46
CA ASP B 57 -1.20 -30.23 13.14
C ASP B 57 0.25 -30.04 12.75
N LEU B 58 0.56 -29.01 11.97
CA LEU B 58 1.88 -28.89 11.34
C LEU B 58 2.86 -27.89 11.97
N ALA B 59 2.32 -26.89 12.65
CA ALA B 59 3.14 -25.85 13.22
C ALA B 59 3.62 -26.16 14.62
N THR B 60 4.40 -27.25 14.76
CA THR B 60 4.90 -27.68 16.05
C THR B 60 6.28 -28.27 15.90
N PRO B 61 7.05 -28.29 16.99
CA PRO B 61 8.37 -28.94 16.90
C PRO B 61 8.34 -30.45 16.62
N GLU B 62 7.22 -31.10 16.98
CA GLU B 62 7.08 -32.54 16.83
C GLU B 62 6.90 -32.83 15.35
N ALA B 63 5.97 -32.14 14.73
CA ALA B 63 5.72 -32.29 13.30
C ALA B 63 7.02 -32.18 12.53
N PHE B 64 7.83 -31.20 12.90
CA PHE B 64 9.10 -30.92 12.22
C PHE B 64 10.15 -32.00 12.46
N SER B 65 10.24 -32.46 13.69
CA SER B 65 11.08 -33.60 14.00
C SER B 65 10.62 -34.80 13.18
N ARG B 66 9.32 -35.11 13.27
CA ARG B 66 8.67 -36.23 12.55
C ARG B 66 8.78 -36.12 10.99
N ASP B 67 8.42 -34.98 10.40
CA ASP B 67 8.38 -34.92 8.95
C ASP B 67 8.73 -33.55 8.41
N PRO B 68 10.03 -33.18 8.50
CA PRO B 68 10.49 -31.87 8.04
C PRO B 68 10.28 -31.55 6.55
N SER B 69 10.22 -32.56 5.69
CA SER B 69 9.81 -32.32 4.31
C SER B 69 8.39 -31.78 4.28
N LEU B 70 7.48 -32.47 4.96
CA LEU B 70 6.08 -32.04 4.93
C LEU B 70 5.90 -30.63 5.49
N VAL B 71 6.53 -30.36 6.62
CA VAL B 71 6.40 -29.06 7.26
C VAL B 71 6.94 -27.99 6.33
N TRP B 72 8.10 -28.25 5.72
CA TRP B 72 8.66 -27.28 4.77
C TRP B 72 7.80 -27.07 3.53
N GLU B 73 7.14 -28.13 3.06
CA GLU B 73 6.19 -28.00 1.96
C GLU B 73 5.15 -26.96 2.35
N PHE B 74 4.61 -27.12 3.55
CA PHE B 74 3.61 -26.22 4.15
C PHE B 74 4.09 -24.78 4.22
N TYR B 75 5.24 -24.57 4.85
CA TYR B 75 5.78 -23.22 4.98
C TYR B 75 6.23 -22.62 3.63
N HIS B 76 6.74 -23.45 2.71
CA HIS B 76 7.09 -22.98 1.35
C HIS B 76 5.85 -22.36 0.72
N TYR B 77 4.77 -23.12 0.72
CA TYR B 77 3.51 -22.63 0.17
C TYR B 77 3.16 -21.27 0.74
N ARG B 78 3.28 -21.14 2.06
CA ARG B 78 2.91 -19.90 2.72
C ARG B 78 3.80 -18.75 2.28
N ARG B 79 5.10 -18.99 2.23
CA ARG B 79 6.00 -18.04 1.61
C ARG B 79 5.52 -17.64 0.22
N GLU B 80 5.20 -18.62 -0.64
CA GLU B 80 4.85 -18.31 -2.02
C GLU B 80 3.53 -17.56 -2.15
N VAL B 81 2.51 -17.86 -1.33
CA VAL B 81 1.24 -17.12 -1.50
C VAL B 81 1.33 -15.67 -1.09
N MET B 82 2.42 -15.28 -0.44
CA MET B 82 2.58 -13.88 -0.06
C MET B 82 2.87 -13.03 -1.29
N ARG B 83 3.37 -13.68 -2.34
CA ARG B 83 3.65 -13.02 -3.60
C ARG B 83 2.41 -12.36 -4.17
N SER B 84 1.20 -12.77 -3.77
CA SER B 84 -0.04 -12.16 -4.29
C SER B 84 -0.88 -11.37 -3.28
N LYS B 85 -0.55 -11.46 -2.00
CA LYS B 85 -1.25 -10.66 -1.01
C LYS B 85 -0.46 -9.38 -0.75
N MET B 86 -1.15 -8.26 -0.80
CA MET B 86 -0.51 -6.99 -0.58
C MET B 86 -0.93 -6.42 0.76
N PRO B 87 -0.14 -5.49 1.30
CA PRO B 87 -0.58 -4.70 2.47
C PRO B 87 -1.86 -3.94 2.16
N ASN B 88 -2.77 -3.92 3.12
CA ASN B 88 -4.00 -3.15 2.98
C ASN B 88 -3.79 -1.75 3.53
N PRO B 89 -4.82 -0.90 3.46
CA PRO B 89 -4.72 0.46 3.98
C PRO B 89 -4.35 0.58 5.44
N ALA B 90 -4.69 -0.43 6.23
CA ALA B 90 -4.33 -0.37 7.64
C ALA B 90 -2.83 -0.42 7.78
N HIS B 91 -2.21 -1.39 7.11
CA HIS B 91 -0.76 -1.49 7.12
C HIS B 91 -0.14 -0.17 6.69
N LEU B 92 -0.66 0.41 5.62
CA LEU B 92 -0.05 1.61 5.08
C LEU B 92 -0.27 2.80 5.95
N ALA B 93 -1.48 2.91 6.49
CA ALA B 93 -1.80 4.07 7.29
C ALA B 93 -0.90 4.10 8.50
N ILE B 94 -0.60 2.93 9.06
CA ILE B 94 0.38 2.83 10.11
C ILE B 94 1.73 3.33 9.62
N ALA B 95 2.32 2.63 8.66
CA ALA B 95 3.68 2.95 8.19
C ALA B 95 3.90 4.45 7.86
N GLU B 96 2.91 5.07 7.28
CA GLU B 96 3.03 6.48 6.94
C GLU B 96 2.95 7.32 8.21
N CYS B 97 2.15 6.86 9.16
CA CYS B 97 2.02 7.57 10.43
C CYS B 97 3.36 7.56 11.18
N GLU B 98 3.97 6.37 11.26
CA GLU B 98 5.27 6.25 11.86
C GLU B 98 6.24 7.25 11.22
N ALA B 99 6.20 7.35 9.89
CA ALA B 99 7.13 8.24 9.15
C ALA B 99 6.89 9.70 9.47
N ARG B 100 5.64 10.11 9.36
CA ARG B 100 5.26 11.48 9.63
C ARG B 100 5.62 11.91 11.05
N LEU B 101 5.35 11.04 12.03
CA LEU B 101 5.57 11.39 13.43
C LEU B 101 7.04 11.41 13.77
N GLY B 102 7.80 10.51 13.18
CA GLY B 102 9.26 10.48 13.40
C GLY B 102 9.94 11.77 12.99
N GLN B 103 9.43 12.39 11.94
CA GLN B 103 9.90 13.71 11.51
C GLN B 103 9.66 14.73 12.58
N GLN B 104 8.59 14.55 13.35
CA GLN B 104 8.30 15.44 14.45
C GLN B 104 8.96 15.00 15.76
N GLY B 105 9.94 14.08 15.71
CA GLY B 105 10.50 13.49 16.92
C GLY B 105 9.57 12.59 17.77
N ARG B 106 8.44 12.14 17.21
CA ARG B 106 7.50 11.30 17.95
C ARG B 106 7.61 9.85 17.46
N SER B 107 7.55 8.88 18.37
CA SER B 107 7.84 7.51 18.02
C SER B 107 6.57 6.72 17.82
N VAL B 108 6.67 5.66 17.02
CA VAL B 108 5.55 4.77 16.72
C VAL B 108 6.11 3.38 16.47
N VAL B 109 5.76 2.44 17.35
CA VAL B 109 6.27 1.10 17.23
C VAL B 109 5.12 0.13 17.03
N ILE B 110 5.42 -0.91 16.24
CA ILE B 110 4.48 -1.97 15.97
C ILE B 110 4.95 -3.24 16.67
N ILE B 111 4.01 -3.88 17.36
CA ILE B 111 4.23 -5.13 18.02
C ILE B 111 3.20 -6.02 17.38
N THR B 112 3.67 -6.95 16.54
CA THR B 112 2.75 -7.74 15.72
C THR B 112 2.85 -9.21 16.01
N GLN B 113 1.69 -9.88 16.01
CA GLN B 113 1.58 -11.34 16.11
C GLN B 113 1.70 -12.00 14.77
N ASN B 114 1.71 -11.21 13.71
CA ASN B 114 1.69 -11.73 12.37
C ASN B 114 3.09 -11.97 11.85
N ILE B 115 3.23 -12.99 11.01
CA ILE B 115 4.54 -13.45 10.56
C ILE B 115 4.78 -13.26 9.07
N ASP B 116 3.93 -12.43 8.45
CA ASP B 116 3.88 -12.31 6.98
C ASP B 116 4.65 -11.10 6.45
N GLU B 117 5.34 -10.36 7.31
CA GLU B 117 6.14 -9.21 6.91
C GLU B 117 5.34 -8.16 6.17
N LEU B 118 4.01 -8.20 6.27
CA LEU B 118 3.20 -7.16 5.63
C LEU B 118 3.49 -5.75 6.15
N HIS B 119 3.76 -5.60 7.44
CA HIS B 119 4.07 -4.25 7.93
C HIS B 119 5.37 -3.73 7.31
N HIS B 120 6.29 -4.64 6.99
CA HIS B 120 7.58 -4.28 6.44
C HIS B 120 7.36 -3.77 5.03
N ARG B 121 6.61 -4.52 4.27
CA ARG B 121 6.28 -4.18 2.91
C ARG B 121 5.44 -2.91 2.82
N ALA B 122 4.79 -2.51 3.91
CA ALA B 122 4.05 -1.25 3.93
C ALA B 122 4.99 -0.07 4.15
N GLY B 123 6.16 -0.35 4.69
CA GLY B 123 7.15 0.67 4.99
C GLY B 123 7.38 0.94 6.47
N SER B 124 6.75 0.15 7.33
CA SER B 124 6.96 0.27 8.76
C SER B 124 8.42 -0.10 9.05
N LYS B 125 9.02 0.55 10.04
CA LYS B 125 10.42 0.34 10.38
C LYS B 125 10.64 -0.22 11.79
N HIS B 126 10.04 0.39 12.80
CA HIS B 126 10.21 -0.07 14.17
CA HIS B 126 10.19 -0.04 14.19
C HIS B 126 9.11 -1.09 14.50
N VAL B 127 9.35 -2.33 14.08
CA VAL B 127 8.38 -3.41 14.16
C VAL B 127 8.95 -4.52 15.00
N TYR B 128 8.15 -5.08 15.89
CA TYR B 128 8.56 -6.23 16.68
C TYR B 128 7.73 -7.44 16.27
N GLU B 129 8.34 -8.38 15.56
CA GLU B 129 7.68 -9.63 15.18
C GLU B 129 7.84 -10.65 16.29
N ILE B 130 6.84 -10.74 17.15
CA ILE B 130 6.95 -11.58 18.34
C ILE B 130 6.69 -13.03 18.03
N HIS B 131 6.18 -13.35 16.85
CA HIS B 131 6.03 -14.75 16.53
C HIS B 131 7.00 -15.09 15.44
N GLY B 132 7.95 -14.21 15.21
CA GLY B 132 8.92 -14.46 14.16
C GLY B 132 8.37 -14.11 12.80
N SER B 133 8.90 -14.76 11.76
CA SER B 133 8.59 -14.42 10.37
C SER B 133 8.81 -15.58 9.39
N LEU B 134 7.86 -15.75 8.47
CA LEU B 134 8.03 -16.67 7.36
C LEU B 134 9.29 -16.44 6.54
N PHE B 135 9.85 -15.25 6.58
CA PHE B 135 11.02 -14.94 5.73
C PHE B 135 12.26 -14.75 6.56
N LYS B 136 12.37 -15.59 7.58
CA LYS B 136 13.59 -15.81 8.33
C LYS B 136 13.72 -17.29 8.65
N THR B 137 14.96 -17.77 8.72
CA THR B 137 15.29 -19.15 9.06
C THR B 137 16.09 -19.18 10.36
N ARG B 138 16.12 -20.34 11.00
CA ARG B 138 17.01 -20.60 12.14
C ARG B 138 17.72 -21.93 11.91
N CYS B 139 19.04 -21.93 12.06
CA CYS B 139 19.80 -23.15 11.87
C CYS B 139 19.57 -24.00 13.08
N MET B 140 19.15 -25.24 12.84
CA MET B 140 18.95 -26.19 13.94
C MET B 140 20.27 -26.49 14.66
N SER B 141 21.40 -26.31 13.98
CA SER B 141 22.69 -26.65 14.55
C SER B 141 23.30 -25.45 15.25
N CYS B 142 23.50 -24.36 14.52
CA CYS B 142 24.21 -23.22 15.10
C CYS B 142 23.30 -22.10 15.58
N GLY B 143 22.01 -22.17 15.30
CA GLY B 143 21.08 -21.18 15.84
C GLY B 143 21.07 -19.83 15.14
N GLU B 144 21.80 -19.70 14.04
CA GLU B 144 21.91 -18.42 13.36
C GLU B 144 20.57 -18.08 12.71
N VAL B 145 20.23 -16.80 12.77
CA VAL B 145 18.99 -16.35 12.20
C VAL B 145 19.25 -15.46 11.00
N LYS B 146 18.89 -15.94 9.79
CA LYS B 146 19.03 -15.16 8.56
C LYS B 146 17.70 -14.83 7.94
N ALA B 147 17.62 -13.62 7.37
CA ALA B 147 16.52 -13.30 6.49
C ALA B 147 16.68 -14.18 5.27
N ASN B 148 15.54 -14.52 4.67
CA ASN B 148 15.54 -15.25 3.42
C ASN B 148 14.20 -15.03 2.71
N HIS B 149 14.27 -14.58 1.45
CA HIS B 149 13.09 -14.37 0.62
C HIS B 149 13.15 -15.13 -0.70
N LYS B 150 14.14 -16.00 -0.81
CA LYS B 150 14.37 -16.80 -2.00
C LYS B 150 13.12 -17.59 -2.39
N SER B 151 12.68 -17.46 -3.64
CA SER B 151 11.56 -18.21 -4.15
C SER B 151 12.11 -19.04 -5.31
N PRO B 152 12.22 -20.36 -5.17
CA PRO B 152 11.94 -21.09 -3.94
C PRO B 152 13.15 -21.11 -3.03
N ILE B 153 12.89 -21.19 -1.74
CA ILE B 153 13.92 -21.17 -0.69
C ILE B 153 15.08 -22.14 -0.95
N CYS B 154 14.76 -23.28 -1.58
CA CYS B 154 15.79 -24.19 -2.09
C CYS B 154 15.23 -24.96 -3.28
N PRO B 155 16.10 -25.37 -4.22
CA PRO B 155 15.61 -26.00 -5.45
C PRO B 155 14.70 -27.21 -5.23
N ALA B 156 15.02 -28.04 -4.24
CA ALA B 156 14.21 -29.24 -3.95
C ALA B 156 12.72 -28.93 -3.79
N LEU B 157 12.40 -27.72 -3.33
CA LEU B 157 11.02 -27.32 -3.05
C LEU B 157 10.35 -26.62 -4.23
N ASP B 158 11.09 -26.40 -5.31
CA ASP B 158 10.54 -25.73 -6.49
C ASP B 158 9.25 -26.41 -6.95
N GLY B 159 8.18 -25.63 -7.03
CA GLY B 159 6.90 -26.12 -7.49
C GLY B 159 6.25 -27.08 -6.54
N LYS B 160 6.64 -27.06 -5.27
CA LYS B 160 6.11 -28.01 -4.28
C LYS B 160 5.05 -27.33 -3.42
N GLY B 161 4.58 -28.06 -2.41
CA GLY B 161 3.67 -27.52 -1.42
C GLY B 161 2.28 -27.16 -1.91
N ALA B 162 1.79 -27.85 -2.94
CA ALA B 162 0.45 -27.58 -3.42
C ALA B 162 -0.51 -27.90 -2.29
N PRO B 163 -1.60 -27.13 -2.17
CA PRO B 163 -2.60 -27.33 -1.14
C PRO B 163 -3.71 -28.35 -1.43
N ASP B 164 -3.74 -28.94 -2.64
CA ASP B 164 -4.78 -29.93 -2.96
C ASP B 164 -4.83 -31.02 -1.92
N PRO B 165 -6.00 -31.27 -1.32
CA PRO B 165 -6.12 -32.40 -0.42
C PRO B 165 -5.34 -33.63 -0.93
N ASN B 166 -5.40 -33.89 -2.23
CA ASN B 166 -4.87 -35.12 -2.81
C ASN B 166 -3.43 -35.03 -3.33
N THR B 167 -2.70 -33.97 -2.98
CA THR B 167 -1.34 -33.79 -3.50
C THR B 167 -0.38 -34.83 -2.92
N LYS B 168 0.48 -35.37 -3.77
CA LYS B 168 1.46 -36.35 -3.33
C LYS B 168 2.52 -35.67 -2.48
N GLU B 169 2.79 -36.24 -1.30
CA GLU B 169 3.91 -35.77 -0.47
C GLU B 169 5.16 -35.72 -1.33
N ALA B 170 5.88 -34.61 -1.24
CA ALA B 170 7.24 -34.56 -1.73
C ALA B 170 7.95 -35.16 -0.53
N ARG B 171 8.50 -36.36 -0.64
CA ARG B 171 9.34 -36.87 0.44
C ARG B 171 10.73 -36.38 0.07
N ILE B 172 11.04 -35.11 0.34
CA ILE B 172 12.36 -34.58 0.06
C ILE B 172 13.31 -35.06 1.13
N PRO B 173 14.46 -35.64 0.75
CA PRO B 173 15.44 -36.05 1.75
C PRO B 173 16.01 -34.86 2.47
N VAL B 174 16.20 -35.02 3.77
CA VAL B 174 16.61 -33.93 4.66
C VAL B 174 17.81 -33.13 4.15
N GLU B 175 18.78 -33.82 3.58
CA GLU B 175 20.01 -33.18 3.11
C GLU B 175 19.78 -32.14 2.02
N LEU B 176 18.64 -32.24 1.33
CA LEU B 176 18.27 -31.32 0.26
C LEU B 176 17.31 -30.22 0.67
N LEU B 177 16.69 -30.35 1.85
CA LEU B 177 15.91 -29.25 2.45
C LEU B 177 16.85 -28.05 2.72
N PRO B 178 16.31 -26.89 3.08
CA PRO B 178 17.20 -25.76 3.24
C PRO B 178 18.28 -26.01 4.29
N ARG B 179 19.51 -25.66 3.96
CA ARG B 179 20.64 -25.86 4.86
C ARG B 179 21.36 -24.54 5.15
N CYS B 180 22.01 -24.50 6.30
CA CYS B 180 22.83 -23.38 6.72
C CYS B 180 23.98 -23.16 5.76
N GLU B 181 24.31 -21.89 5.51
CA GLU B 181 25.30 -21.56 4.49
C GLU B 181 26.72 -21.46 5.06
N ARG B 182 26.83 -21.28 6.38
CA ARG B 182 28.15 -21.23 6.99
C ARG B 182 28.80 -22.59 6.77
N LYS B 183 29.79 -22.62 5.87
CA LYS B 183 30.36 -23.87 5.31
C LYS B 183 30.71 -24.98 6.33
N SER B 184 31.26 -24.57 7.47
CA SER B 184 31.59 -25.49 8.54
C SER B 184 30.34 -26.19 9.11
N CYS B 185 29.21 -25.49 9.08
CA CYS B 185 27.97 -25.93 9.75
C CYS B 185 27.05 -26.84 8.92
N ASN B 186 26.45 -26.27 7.87
CA ASN B 186 25.55 -27.02 7.01
C ASN B 186 24.36 -27.64 7.75
N GLY B 187 24.00 -27.07 8.88
CA GLY B 187 22.85 -27.55 9.64
C GLY B 187 21.56 -27.36 8.87
N LEU B 188 20.52 -28.14 9.24
CA LEU B 188 19.18 -28.03 8.66
C LEU B 188 18.50 -26.77 9.19
N LEU B 189 17.87 -26.02 8.30
CA LEU B 189 17.18 -24.81 8.71
C LEU B 189 15.71 -25.12 9.01
N ARG B 190 15.16 -24.34 9.96
CA ARG B 190 13.73 -24.32 10.25
C ARG B 190 13.23 -22.88 10.12
N PRO B 191 11.93 -22.72 9.86
CA PRO B 191 11.35 -21.38 9.86
C PRO B 191 11.50 -20.76 11.21
N HIS B 192 11.92 -19.51 11.25
CA HIS B 192 12.02 -18.73 12.50
C HIS B 192 10.64 -18.22 12.90
N VAL B 193 9.73 -19.14 13.19
CA VAL B 193 8.44 -18.75 13.71
C VAL B 193 8.28 -19.41 15.05
N VAL B 194 7.42 -18.84 15.87
CA VAL B 194 7.08 -19.46 17.11
C VAL B 194 5.92 -20.43 16.86
N TRP B 195 6.21 -21.72 17.06
CA TRP B 195 5.24 -22.80 16.84
C TRP B 195 4.46 -23.03 18.09
N PHE B 196 3.38 -23.81 17.98
CA PHE B 196 2.56 -24.15 19.13
C PHE B 196 3.41 -24.92 20.12
N GLY B 197 3.26 -24.51 21.39
CA GLY B 197 4.07 -25.06 22.46
C GLY B 197 5.43 -24.41 22.65
N GLU B 198 5.69 -23.32 21.93
CA GLU B 198 6.96 -22.61 22.09
C GLU B 198 6.73 -21.25 22.74
N THR B 199 7.74 -20.82 23.49
CA THR B 199 7.69 -19.56 24.19
C THR B 199 8.31 -18.46 23.35
N LEU B 200 8.06 -17.24 23.77
CA LEU B 200 8.56 -16.09 23.07
C LEU B 200 9.97 -15.73 23.49
N ASP B 201 10.76 -15.24 22.53
CA ASP B 201 12.13 -14.83 22.72
C ASP B 201 12.09 -13.74 23.80
N SER B 202 12.78 -13.96 24.91
CA SER B 202 12.70 -13.02 26.03
C SER B 202 13.42 -11.70 25.77
N ASP B 203 14.43 -11.69 24.89
CA ASP B 203 15.08 -10.44 24.41
C ASP B 203 14.06 -9.51 23.79
N ILE B 204 13.21 -10.09 22.94
CA ILE B 204 12.12 -9.34 22.31
C ILE B 204 11.11 -8.85 23.37
N LEU B 205 10.68 -9.73 24.27
CA LEU B 205 9.75 -9.32 25.31
C LEU B 205 10.30 -8.19 26.16
N THR B 206 11.60 -8.20 26.42
CA THR B 206 12.15 -7.17 27.33
C THR B 206 12.27 -5.84 26.61
N ALA B 207 12.45 -5.89 25.28
CA ALA B 207 12.34 -4.69 24.45
C ALA B 207 10.91 -4.15 24.40
N VAL B 208 9.96 -5.05 24.21
CA VAL B 208 8.57 -4.65 24.12
C VAL B 208 8.17 -4.06 25.44
N GLU B 209 8.57 -4.69 26.53
CA GLU B 209 8.33 -4.15 27.85
C GLU B 209 8.84 -2.72 27.92
N ARG B 210 10.09 -2.53 27.53
CA ARG B 210 10.66 -1.19 27.49
C ARG B 210 9.74 -0.26 26.70
N GLU B 211 9.41 -0.62 25.47
CA GLU B 211 8.57 0.23 24.65
C GLU B 211 7.23 0.53 25.33
N LEU B 212 6.58 -0.47 25.91
CA LEU B 212 5.26 -0.23 26.47
C LEU B 212 5.29 0.62 27.74
N GLU B 213 6.41 0.57 28.46
CA GLU B 213 6.67 1.49 29.59
C GLU B 213 6.62 2.93 29.15
N LYS B 214 7.26 3.16 28.01
CA LYS B 214 7.48 4.49 27.48
C LYS B 214 6.21 5.07 26.87
N CYS B 215 5.26 4.22 26.50
CA CYS B 215 4.22 4.63 25.59
C CYS B 215 3.18 5.45 26.32
N ASP B 216 2.51 6.34 25.62
CA ASP B 216 1.44 7.14 26.21
C ASP B 216 0.13 7.10 25.40
N LEU B 217 0.03 6.09 24.54
CA LEU B 217 -1.17 5.79 23.81
C LEU B 217 -0.95 4.43 23.15
N CYS B 218 -1.90 3.51 23.30
CA CYS B 218 -1.73 2.17 22.77
C CYS B 218 -2.90 1.83 21.87
N LEU B 219 -2.60 1.24 20.72
CA LEU B 219 -3.64 0.83 19.78
C LEU B 219 -3.62 -0.67 19.61
N VAL B 220 -4.80 -1.26 19.55
CA VAL B 220 -4.93 -2.69 19.37
C VAL B 220 -5.73 -2.88 18.12
N VAL B 221 -5.18 -3.65 17.20
CA VAL B 221 -5.71 -3.70 15.87
C VAL B 221 -5.82 -5.12 15.33
N GLY B 222 -7.02 -5.48 14.90
CA GLY B 222 -7.25 -6.79 14.31
C GLY B 222 -7.04 -7.86 15.35
N THR B 223 -7.53 -7.58 16.55
CA THR B 223 -7.54 -8.48 17.73
C THR B 223 -8.05 -7.61 18.90
N SER B 224 -8.24 -8.17 20.08
CA SER B 224 -8.74 -7.36 21.19
C SER B 224 -7.85 -7.53 22.39
N SER B 225 -7.91 -6.55 23.29
CA SER B 225 -7.11 -6.56 24.52
C SER B 225 -7.40 -7.72 25.47
N ILE B 226 -8.58 -8.34 25.42
CA ILE B 226 -8.88 -9.42 26.37
C ILE B 226 -8.26 -10.77 25.97
N VAL B 227 -7.82 -10.90 24.72
CA VAL B 227 -7.42 -12.20 24.21
C VAL B 227 -5.91 -12.37 24.12
N TYR B 228 -5.47 -13.62 24.21
CA TYR B 228 -4.04 -13.97 24.18
C TYR B 228 -3.66 -13.95 22.73
N PRO B 229 -2.59 -13.30 22.35
CA PRO B 229 -1.61 -12.71 23.23
C PRO B 229 -1.68 -11.17 23.37
N ALA B 230 -2.61 -10.51 22.70
CA ALA B 230 -2.77 -9.08 22.95
C ALA B 230 -2.87 -8.74 24.48
N ALA B 231 -3.39 -9.67 25.30
CA ALA B 231 -3.64 -9.44 26.73
C ALA B 231 -2.40 -9.32 27.57
N MET B 232 -1.28 -9.83 27.07
CA MET B 232 0.01 -9.59 27.70
C MET B 232 0.41 -8.14 27.76
N PHE B 233 -0.17 -7.34 26.90
CA PHE B 233 0.35 -6.04 26.66
C PHE B 233 -0.64 -4.96 27.03
N ALA B 234 -1.78 -4.93 26.35
CA ALA B 234 -2.69 -3.80 26.48
C ALA B 234 -3.22 -3.54 27.90
N PRO B 235 -3.64 -4.60 28.58
CA PRO B 235 -3.99 -4.42 29.99
C PRO B 235 -2.91 -3.67 30.81
N GLN B 236 -1.64 -4.05 30.65
CA GLN B 236 -0.56 -3.46 31.44
C GLN B 236 -0.45 -1.98 31.23
N VAL B 237 -0.45 -1.59 29.97
CA VAL B 237 -0.50 -0.19 29.60
C VAL B 237 -1.72 0.49 30.21
N ALA B 238 -2.87 -0.15 30.03
CA ALA B 238 -4.17 0.41 30.39
C ALA B 238 -4.28 0.65 31.87
N SER B 239 -3.80 -0.30 32.64
CA SER B 239 -3.89 -0.20 34.07
C SER B 239 -3.05 0.96 34.59
N ARG B 240 -2.02 1.39 33.85
CA ARG B 240 -1.26 2.60 34.20
C ARG B 240 -1.99 3.86 33.79
N GLY B 241 -3.20 3.72 33.29
CA GLY B 241 -3.99 4.88 32.91
C GLY B 241 -3.74 5.43 31.52
N VAL B 242 -2.95 4.75 30.72
CA VAL B 242 -2.72 5.17 29.35
C VAL B 242 -3.95 4.77 28.53
N PRO B 243 -4.40 5.64 27.62
CA PRO B 243 -5.53 5.22 26.78
C PRO B 243 -5.22 4.05 25.83
N VAL B 244 -6.25 3.25 25.54
CA VAL B 244 -6.14 2.08 24.70
C VAL B 244 -7.33 2.05 23.76
N ALA B 245 -7.04 1.98 22.46
CA ALA B 245 -8.07 2.04 21.43
C ALA B 245 -8.04 0.78 20.65
N GLU B 246 -9.17 0.10 20.53
CA GLU B 246 -9.21 -1.11 19.71
C GLU B 246 -9.85 -0.79 18.39
N PHE B 247 -9.32 -1.42 17.33
CA PHE B 247 -9.91 -1.39 16.00
C PHE B 247 -10.00 -2.84 15.54
N ASN B 248 -11.21 -3.38 15.57
CA ASN B 248 -11.41 -4.70 15.06
C ASN B 248 -12.85 -4.80 14.68
N MET B 249 -13.20 -5.94 14.12
CA MET B 249 -14.57 -6.20 13.71
C MET B 249 -14.87 -7.53 14.33
N GLU B 250 -14.56 -7.63 15.62
CA GLU B 250 -14.72 -8.87 16.35
C GLU B 250 -16.01 -8.84 17.14
N CYS B 251 -16.70 -7.70 17.15
CA CYS B 251 -18.05 -7.67 17.65
C CYS B 251 -18.00 -7.86 19.19
N THR B 252 -17.11 -7.12 19.83
CA THR B 252 -16.68 -7.36 21.24
C THR B 252 -17.80 -7.06 22.26
N PRO B 253 -17.79 -7.73 23.43
CA PRO B 253 -18.80 -7.48 24.49
C PRO B 253 -19.00 -6.02 24.97
N ALA B 254 -19.89 -5.29 24.28
CA ALA B 254 -20.06 -3.84 24.44
C ALA B 254 -19.94 -3.35 25.89
N PHE B 258 -11.99 -1.81 24.64
CA PHE B 258 -11.71 -1.32 25.99
C PHE B 258 -12.18 0.17 26.10
N LYS B 259 -11.30 1.06 26.55
CA LYS B 259 -11.57 2.50 26.59
C LYS B 259 -12.24 3.10 25.32
N TYR B 260 -11.56 3.10 24.16
CA TYR B 260 -12.27 3.35 22.87
C TYR B 260 -12.30 2.15 21.99
N HIS B 261 -13.37 2.04 21.21
CA HIS B 261 -13.57 0.91 20.31
C HIS B 261 -14.10 1.44 19.00
N PHE B 262 -13.51 0.95 17.92
CA PHE B 262 -13.99 1.32 16.60
C PHE B 262 -14.22 0.03 15.84
N GLU B 263 -15.48 -0.36 15.80
CA GLU B 263 -15.92 -1.58 15.12
C GLU B 263 -15.80 -1.38 13.62
N GLY B 264 -15.34 -2.43 12.95
CA GLY B 264 -15.26 -2.47 11.50
C GLY B 264 -13.90 -2.87 11.02
N PRO B 265 -13.76 -3.08 9.71
CA PRO B 265 -12.47 -3.36 9.06
C PRO B 265 -11.42 -2.28 9.33
N CYS B 266 -10.26 -2.73 9.79
CA CYS B 266 -9.12 -1.85 10.00
C CYS B 266 -8.75 -1.04 8.75
N GLY B 267 -8.88 -1.69 7.59
CA GLY B 267 -8.78 -1.04 6.29
C GLY B 267 -9.53 0.28 6.22
N SER B 268 -10.76 0.31 6.73
CA SER B 268 -11.58 1.54 6.77
C SER B 268 -11.42 2.36 8.04
N THR B 269 -11.47 1.73 9.19
CA THR B 269 -11.53 2.48 10.45
C THR B 269 -10.23 3.20 10.71
N LEU B 270 -9.12 2.56 10.42
CA LEU B 270 -7.86 3.06 10.91
C LEU B 270 -7.30 4.30 10.18
N PRO B 271 -7.34 4.34 8.86
CA PRO B 271 -6.72 5.50 8.26
C PRO B 271 -7.31 6.85 8.70
N PRO B 272 -8.65 6.95 8.80
CA PRO B 272 -9.16 8.24 9.26
C PRO B 272 -8.61 8.58 10.63
N ALA B 273 -8.52 7.56 11.48
CA ALA B 273 -8.02 7.75 12.83
C ALA B 273 -6.60 8.33 12.88
N LEU B 274 -5.72 7.91 11.98
CA LEU B 274 -4.31 8.32 12.02
C LEU B 274 -3.90 9.49 11.10
N GLU B 275 -4.82 9.95 10.27
CA GLU B 275 -4.49 10.97 9.27
C GLU B 275 -3.70 12.15 9.85
C BEZ C 1 2.03 22.97 -28.86
O1 BEZ C 1 3.09 23.13 -28.26
C1 BEZ C 1 1.77 23.76 -29.99
C2 BEZ C 1 0.45 24.15 -30.28
C3 BEZ C 1 0.17 24.93 -31.37
C4 BEZ C 1 1.24 25.32 -32.15
C5 BEZ C 1 2.56 24.95 -31.88
C6 BEZ C 1 2.83 24.17 -30.78
N GLY C 2 1.07 22.10 -28.49
CA GLY C 2 1.22 21.17 -27.33
C GLY C 2 -0.13 20.53 -27.21
N VAL C 3 -0.15 19.42 -26.49
CA VAL C 3 -1.33 18.61 -26.48
C VAL C 3 -2.34 19.11 -25.46
N LEU C 4 -3.52 19.46 -25.92
CA LEU C 4 -4.58 19.74 -25.01
C LEU C 4 -5.02 18.49 -24.29
N LYS C 5 -5.17 18.61 -22.99
CA LYS C 5 -5.68 17.56 -22.16
C LYS C 5 -7.15 17.31 -22.53
N GLU C 6 -7.55 16.05 -22.52
CA GLU C 6 -8.82 15.53 -23.13
C GLU C 6 -8.96 15.80 -24.64
N TYR C 7 -7.86 16.23 -25.27
CA TYR C 7 -7.90 16.80 -26.62
C TYR C 7 -8.70 18.11 -26.68
N GLY C 8 -8.99 18.70 -25.52
CA GLY C 8 -9.76 19.94 -25.41
C GLY C 8 -11.27 19.77 -25.55
N VAL C 9 -11.74 18.52 -25.61
CA VAL C 9 -13.16 18.23 -25.93
C VAL C 9 -14.08 18.67 -24.79
ZN ZN D . 8.59 32.48 -7.35
C1 EDO E . 3.13 28.56 1.38
O1 EDO E . 4.47 28.23 0.97
C2 EDO E . 3.13 29.45 2.63
O2 EDO E . 3.11 30.83 2.24
ZN ZN F . 24.39 -23.15 11.13
N1 EPE G . 1.68 -19.42 15.85
C2 EPE G . 1.88 -20.37 16.98
C3 EPE G . 1.01 -20.14 18.19
N4 EPE G . 1.22 -18.80 18.74
C5 EPE G . 0.98 -17.87 17.64
C6 EPE G . 1.84 -18.06 16.38
C7 EPE G . 2.53 -18.56 19.35
C8 EPE G . 2.96 -19.57 20.41
O8 EPE G . 2.42 -19.18 21.66
C9 EPE G . 0.37 -19.62 15.17
C10 EPE G . 0.32 -20.86 14.26
S EPE G . 0.40 -20.56 12.60
O1S EPE G . 0.53 -21.88 11.95
O2S EPE G . 1.69 -19.89 12.22
O3S EPE G . -0.90 -19.96 12.18
S DMS H . 6.98 1.42 0.45
O DMS H . 7.23 2.28 1.61
C1 DMS H . 5.32 1.07 0.39
C2 DMS H . 7.72 -0.09 0.74
NA NA I . 17.55 -13.61 20.81
C1 EDO J . -0.11 -16.12 12.38
O1 EDO J . 0.37 -16.01 13.73
C2 EDO J . -0.74 -14.81 11.90
O2 EDO J . -0.10 -14.37 10.68
CAJ SU8 K . -7.64 17.25 -15.42
CAK SU8 K . -7.17 17.66 -14.06
CAL SU8 K . -8.45 18.15 -13.38
OAM SU8 K . -8.58 16.47 -15.58
CAN SU8 K . -8.20 18.15 -11.89
OAO SU8 K . -8.60 17.15 -11.27
OAP SU8 K . -7.62 19.14 -11.40
CAQ SU8 K . -6.31 16.55 -13.37
CAR SU8 K . -6.17 15.24 -14.18
CAS SU8 K . -7.34 14.33 -13.78
CAT SU8 K . -6.92 13.48 -12.56
#